data_6RBB
#
_entry.id   6RBB
#
_cell.length_a   54.872
_cell.length_b   72.499
_cell.length_c   129.385
_cell.angle_alpha   90.00
_cell.angle_beta   90.00
_cell.angle_gamma   90.00
#
_symmetry.space_group_name_H-M   'P 2 21 21'
#
loop_
_entity.id
_entity.type
_entity.pdbx_description
1 polymer 'VHH domain of netakimab'
2 water water
#
_entity_poly.entity_id   1
_entity_poly.type   'polypeptide(L)'
_entity_poly.pdbx_seq_one_letter_code
;RGSEFEVQLVQAGGSLRLSCAASGGTFATSPMGWLRQAPGKGTEFVAAISPSGGDRIYADSVKGRFTISRDNAGNFIYLQ
MNSLKPEDTAVYYCAVRRRFDGTSYYTGDYDSWGQGTLVTVSS
;
_entity_poly.pdbx_strand_id   H,I,J,K
#
# COMPACT_ATOMS: atom_id res chain seq x y z
N ARG A 1 -27.46 -12.99 21.76
CA ARG A 1 -28.70 -12.41 21.31
C ARG A 1 -28.49 -11.79 19.96
N GLY A 2 -29.48 -11.07 19.49
CA GLY A 2 -29.33 -10.41 18.24
C GLY A 2 -30.60 -10.17 17.52
N SER A 3 -30.49 -9.38 16.47
CA SER A 3 -31.63 -9.08 15.58
C SER A 3 -31.26 -9.25 14.10
N GLU A 4 -30.40 -8.37 13.55
CA GLU A 4 -29.74 -8.58 12.25
C GLU A 4 -28.28 -9.01 12.43
N PHE A 5 -27.79 -8.98 13.66
CA PHE A 5 -26.38 -9.13 13.99
C PHE A 5 -26.32 -9.62 15.42
N GLU A 6 -25.14 -10.05 15.84
CA GLU A 6 -25.00 -10.44 17.24
C GLU A 6 -25.02 -9.20 18.14
N VAL A 7 -25.44 -9.38 19.39
CA VAL A 7 -25.48 -8.29 20.36
C VAL A 7 -24.71 -8.68 21.60
N GLN A 8 -24.02 -7.70 22.19
CA GLN A 8 -23.22 -7.85 23.39
C GLN A 8 -23.47 -6.62 24.24
N LEU A 9 -24.01 -6.82 25.44
CA LEU A 9 -24.12 -5.74 26.43
C LEU A 9 -22.97 -5.85 27.41
N VAL A 10 -22.34 -4.71 27.69
CA VAL A 10 -21.18 -4.61 28.56
C VAL A 10 -21.38 -3.35 29.37
N GLN A 11 -20.65 -3.23 30.47
CA GLN A 11 -20.70 -2.04 31.29
C GLN A 11 -19.36 -1.33 31.20
N ALA A 12 -19.42 0.00 31.37
CA ALA A 12 -18.24 0.85 31.25
C ALA A 12 -17.10 0.31 32.12
N GLY A 13 -15.89 0.35 31.57
CA GLY A 13 -14.74 -0.24 32.21
C GLY A 13 -14.62 -1.75 32.06
N GLY A 14 -15.65 -2.41 31.54
CA GLY A 14 -15.57 -3.83 31.26
C GLY A 14 -14.66 -4.14 30.07
N SER A 15 -14.63 -5.43 29.73
CA SER A 15 -13.83 -5.95 28.63
C SER A 15 -14.67 -6.95 27.84
N LEU A 16 -14.26 -7.18 26.60
CA LEU A 16 -14.97 -8.09 25.72
C LEU A 16 -14.03 -8.50 24.61
N ARG A 17 -14.19 -9.73 24.12
CA ARG A 17 -13.32 -10.27 23.08
C ARG A 17 -14.17 -10.68 21.87
N LEU A 18 -14.08 -9.89 20.81
CA LEU A 18 -14.74 -10.26 19.57
C LEU A 18 -13.89 -11.24 18.78
N SER A 19 -14.55 -12.10 18.03
CA SER A 19 -13.88 -13.14 17.28
C SER A 19 -14.55 -13.30 15.93
N CYS A 20 -13.75 -13.68 14.93
CA CYS A 20 -14.18 -13.66 13.55
C CYS A 20 -13.47 -14.81 12.84
N ALA A 21 -14.24 -15.71 12.25
CA ALA A 21 -13.73 -16.97 11.74
C ALA A 21 -13.99 -17.08 10.24
N ALA A 22 -13.10 -17.81 9.57
CA ALA A 22 -13.33 -18.22 8.18
C ALA A 22 -13.17 -19.73 8.05
N SER A 23 -13.15 -20.24 6.83
CA SER A 23 -12.97 -21.66 6.57
C SER A 23 -11.78 -21.87 5.63
N GLY A 24 -10.99 -22.90 5.91
CA GLY A 24 -9.88 -23.27 5.03
C GLY A 24 -8.74 -22.26 4.93
N GLY A 25 -8.48 -21.50 5.97
CA GLY A 25 -7.42 -20.50 5.92
C GLY A 25 -7.66 -19.38 4.93
N THR A 26 -8.91 -18.88 4.84
CA THR A 26 -9.29 -17.96 3.78
C THR A 26 -8.41 -16.72 3.77
N PHE A 27 -8.12 -16.14 4.94
CA PHE A 27 -7.31 -14.94 4.99
C PHE A 27 -5.91 -15.20 5.58
N ALA A 28 -5.29 -16.32 5.18
CA ALA A 28 -3.89 -16.53 5.52
C ALA A 28 -2.97 -15.57 4.76
N THR A 29 -3.33 -15.21 3.53
CA THR A 29 -2.56 -14.25 2.74
C THR A 29 -3.05 -12.81 2.90
N SER A 30 -4.20 -12.59 3.52
CA SER A 30 -4.67 -11.22 3.43
C SER A 30 -4.44 -10.46 4.75
N PRO A 31 -4.28 -9.14 4.67
CA PRO A 31 -4.33 -8.33 5.90
C PRO A 31 -5.76 -8.16 6.35
N MET A 32 -5.93 -8.01 7.66
CA MET A 32 -7.23 -8.08 8.28
C MET A 32 -7.44 -6.89 9.20
N GLY A 33 -8.70 -6.64 9.53
CA GLY A 33 -8.99 -5.55 10.41
C GLY A 33 -10.35 -5.64 11.05
N TRP A 34 -10.62 -4.68 11.93
CA TRP A 34 -11.94 -4.45 12.52
C TRP A 34 -12.37 -3.03 12.16
N LEU A 35 -13.59 -2.89 11.65
CA LEU A 35 -14.24 -1.60 11.43
C LEU A 35 -15.45 -1.47 12.35
N ARG A 36 -15.90 -0.22 12.56
CA ARG A 36 -17.10 -0.01 13.37
C ARG A 36 -17.93 1.15 12.80
N GLN A 37 -19.24 1.01 12.97
CA GLN A 37 -20.22 2.03 12.57
C GLN A 37 -20.97 2.47 13.82
N ALA A 38 -20.68 3.66 14.31
CA ALA A 38 -21.54 4.20 15.35
C ALA A 38 -22.77 4.87 14.74
N PRO A 39 -23.93 4.77 15.39
CA PRO A 39 -25.17 5.34 14.83
C PRO A 39 -24.99 6.79 14.36
N GLY A 40 -25.45 7.05 13.14
CA GLY A 40 -25.24 8.34 12.51
C GLY A 40 -23.90 8.47 11.81
N LYS A 41 -22.84 7.89 12.38
CA LYS A 41 -21.49 8.07 11.85
C LYS A 41 -21.22 7.13 10.67
N GLY A 42 -20.31 7.58 9.82
CA GLY A 42 -19.72 6.67 8.85
C GLY A 42 -18.90 5.59 9.53
N THR A 43 -18.62 4.54 8.76
CA THR A 43 -17.73 3.50 9.22
C THR A 43 -16.35 4.08 9.51
N GLU A 44 -15.81 3.70 10.67
CA GLU A 44 -14.47 4.09 11.08
C GLU A 44 -13.60 2.86 11.30
N PHE A 45 -12.30 3.11 11.25
CA PHE A 45 -11.31 2.08 11.38
C PHE A 45 -10.99 1.87 12.86
N VAL A 46 -10.82 0.60 13.25
CA VAL A 46 -10.46 0.29 14.63
C VAL A 46 -9.04 -0.25 14.67
N ALA A 47 -8.84 -1.41 14.08
CA ALA A 47 -7.55 -2.07 14.20
C ALA A 47 -7.32 -2.92 12.95
N ALA A 48 -6.04 -3.16 12.66
CA ALA A 48 -5.66 -3.99 11.54
C ALA A 48 -4.41 -4.80 11.91
N ILE A 49 -4.33 -6.01 11.37
CA ILE A 49 -3.22 -6.91 11.66
C ILE A 49 -2.75 -7.53 10.35
N SER A 50 -1.43 -7.62 10.18
CA SER A 50 -0.91 -8.14 8.92
C SER A 50 -0.96 -9.67 8.89
N PRO A 51 -0.75 -10.29 7.71
CA PRO A 51 -0.65 -11.76 7.65
C PRO A 51 0.38 -12.38 8.59
N SER A 52 1.56 -11.77 8.73
CA SER A 52 2.59 -12.27 9.64
C SER A 52 2.17 -12.20 11.10
N GLY A 53 1.05 -11.55 11.40
CA GLY A 53 0.61 -11.32 12.75
C GLY A 53 1.20 -10.09 13.43
N GLY A 54 2.12 -9.39 12.76
CA GLY A 54 3.02 -8.52 13.48
C GLY A 54 3.01 -7.04 13.15
N ASP A 55 2.18 -6.61 12.21
CA ASP A 55 2.05 -5.19 11.92
C ASP A 55 0.65 -4.82 12.38
N ARG A 56 0.54 -4.44 13.63
CA ARG A 56 -0.75 -4.13 14.23
C ARG A 56 -0.87 -2.64 14.40
N ILE A 57 -1.96 -2.06 13.89
CA ILE A 57 -2.22 -0.63 13.97
C ILE A 57 -3.62 -0.41 14.54
N TYR A 58 -3.83 0.80 15.06
CA TYR A 58 -4.97 1.10 15.91
C TYR A 58 -5.42 2.54 15.69
N ALA A 59 -6.72 2.73 15.47
CA ALA A 59 -7.31 4.04 15.68
C ALA A 59 -6.79 4.58 16.99
N ASP A 60 -6.39 5.84 16.99
CA ASP A 60 -5.91 6.43 18.24
C ASP A 60 -6.98 6.44 19.32
N SER A 61 -8.25 6.32 18.95
CA SER A 61 -9.28 6.27 19.98
C SER A 61 -9.42 4.91 20.65
N VAL A 62 -8.65 3.91 20.23
CA VAL A 62 -8.72 2.58 20.84
C VAL A 62 -7.31 2.14 21.20
N LYS A 63 -6.32 2.86 20.66
CA LYS A 63 -4.92 2.57 20.92
C LYS A 63 -4.68 2.49 22.42
N GLY A 64 -4.01 1.42 22.84
CA GLY A 64 -3.71 1.19 24.25
C GLY A 64 -4.80 0.49 25.04
N ARG A 65 -6.04 0.57 24.58
CA ARG A 65 -7.15 -0.16 25.18
C ARG A 65 -7.49 -1.44 24.45
N PHE A 66 -7.46 -1.44 23.11
CA PHE A 66 -7.75 -2.63 22.33
C PHE A 66 -6.45 -3.27 21.88
N THR A 67 -6.50 -4.57 21.60
CA THR A 67 -5.41 -5.27 20.92
C THR A 67 -6.01 -6.30 19.98
N ILE A 68 -5.33 -6.49 18.85
CA ILE A 68 -5.78 -7.38 17.79
C ILE A 68 -4.79 -8.53 17.72
N SER A 69 -5.26 -9.70 17.30
CA SER A 69 -4.40 -10.85 17.09
C SER A 69 -5.02 -11.75 16.04
N ARG A 70 -4.30 -12.81 15.67
CA ARG A 70 -4.87 -13.83 14.80
C ARG A 70 -4.26 -15.18 15.13
N ASP A 71 -4.89 -16.23 14.59
CA ASP A 71 -4.29 -17.57 14.58
C ASP A 71 -3.28 -17.65 13.43
N ASN A 72 -2.61 -18.81 13.28
CA ASN A 72 -1.61 -18.98 12.24
C ASN A 72 -2.12 -19.75 11.01
N ALA A 73 -3.22 -20.52 11.16
CA ALA A 73 -3.80 -21.24 10.04
C ALA A 73 -4.61 -20.36 9.10
N GLY A 74 -4.83 -19.09 9.45
CA GLY A 74 -5.56 -18.18 8.60
C GLY A 74 -7.06 -18.28 8.74
N ASN A 75 -7.55 -18.70 9.92
CA ASN A 75 -8.98 -18.90 10.14
C ASN A 75 -9.59 -17.92 11.14
N PHE A 76 -8.77 -17.28 11.99
CA PHE A 76 -9.29 -16.48 13.08
C PHE A 76 -8.54 -15.15 13.20
N ILE A 77 -9.29 -14.11 13.57
CA ILE A 77 -8.72 -12.90 14.17
C ILE A 77 -9.57 -12.54 15.37
N TYR A 78 -8.92 -12.00 16.40
CA TYR A 78 -9.64 -11.58 17.59
C TYR A 78 -9.46 -10.08 17.78
N LEU A 79 -10.42 -9.47 18.46
CA LEU A 79 -10.31 -8.09 18.90
C LEU A 79 -10.57 -8.11 20.39
N GLN A 80 -9.58 -7.73 21.15
CA GLN A 80 -9.62 -7.80 22.60
C GLN A 80 -9.88 -6.38 23.10
N MET A 81 -11.11 -6.12 23.51
CA MET A 81 -11.53 -4.79 23.88
C MET A 81 -11.50 -4.64 25.40
N ASN A 82 -10.69 -3.72 25.90
CA ASN A 82 -10.62 -3.46 27.33
C ASN A 82 -10.93 -1.99 27.59
N SER A 83 -11.32 -1.68 28.83
CA SER A 83 -11.64 -0.32 29.26
C SER A 83 -12.78 0.29 28.45
N LEU A 84 -13.83 -0.49 28.20
CA LEU A 84 -14.90 -0.02 27.35
C LEU A 84 -15.53 1.24 27.94
N LYS A 85 -15.72 2.29 27.07
CA LYS A 85 -16.44 3.54 27.29
C LYS A 85 -17.79 3.46 26.61
N PRO A 86 -18.71 4.39 26.90
CA PRO A 86 -19.94 4.47 26.08
C PRO A 86 -19.68 5.06 24.71
N GLU A 87 -18.52 5.70 24.51
CA GLU A 87 -18.06 6.13 23.19
C GLU A 87 -17.78 4.95 22.26
N ASP A 88 -17.60 3.75 22.79
CA ASP A 88 -17.28 2.59 21.98
C ASP A 88 -18.52 1.86 21.46
N THR A 89 -19.71 2.36 21.80
CA THR A 89 -20.96 1.78 21.33
C THR A 89 -21.04 1.92 19.82
N ALA A 90 -21.10 0.79 19.12
CA ALA A 90 -21.16 0.74 17.65
C ALA A 90 -21.39 -0.71 17.24
N VAL A 91 -21.67 -0.91 15.94
CA VAL A 91 -21.67 -2.24 15.32
C VAL A 91 -20.25 -2.55 14.82
N TYR A 92 -19.66 -3.65 15.27
CA TYR A 92 -18.29 -4.02 14.92
C TYR A 92 -18.26 -5.04 13.78
N TYR A 93 -17.38 -4.82 12.81
CA TYR A 93 -17.23 -5.73 11.68
C TYR A 93 -15.78 -6.14 11.55
N CYS A 94 -15.51 -7.43 11.44
CA CYS A 94 -14.21 -7.78 10.90
C CYS A 94 -14.23 -7.58 9.39
N ALA A 95 -13.04 -7.39 8.83
CA ALA A 95 -12.92 -6.97 7.44
C ALA A 95 -11.64 -7.54 6.85
N VAL A 96 -11.70 -7.87 5.59
CA VAL A 96 -10.52 -8.24 4.82
C VAL A 96 -10.04 -6.99 4.07
N ARG A 97 -8.72 -6.79 4.04
CA ARG A 97 -8.14 -5.78 3.17
C ARG A 97 -8.05 -6.38 1.76
N ARG A 98 -8.87 -5.88 0.84
CA ARG A 98 -8.95 -6.41 -0.50
C ARG A 98 -8.41 -5.47 -1.58
N ARG A 99 -8.10 -4.25 -1.23
CA ARG A 99 -7.62 -3.24 -2.16
C ARG A 99 -6.49 -2.50 -1.49
N PHE A 100 -5.68 -1.81 -2.28
CA PHE A 100 -4.48 -1.17 -1.74
C PHE A 100 -4.35 0.26 -2.27
N ASP A 101 -5.47 0.98 -2.31
CA ASP A 101 -5.43 2.36 -2.77
C ASP A 101 -4.89 3.32 -1.71
N GLY A 102 -5.08 3.03 -0.43
CA GLY A 102 -4.54 3.90 0.59
C GLY A 102 -3.67 3.20 1.61
N THR A 103 -3.47 3.85 2.75
CA THR A 103 -2.70 3.28 3.85
C THR A 103 -3.43 2.06 4.44
N SER A 104 -2.88 1.49 5.51
CA SER A 104 -3.62 0.39 6.12
C SER A 104 -4.74 0.91 7.02
N TYR A 105 -4.77 2.22 7.26
CA TYR A 105 -5.77 2.88 8.09
C TYR A 105 -7.01 3.26 7.32
N TYR A 106 -7.01 3.04 6.01
CA TYR A 106 -8.05 3.51 5.10
C TYR A 106 -9.22 2.55 5.14
N THR A 107 -10.33 2.95 5.78
CA THR A 107 -11.50 2.06 5.82
C THR A 107 -11.95 1.64 4.42
N GLY A 108 -11.75 2.52 3.42
CA GLY A 108 -12.10 2.21 2.04
C GLY A 108 -11.40 0.99 1.43
N ASP A 109 -10.22 0.61 1.93
CA ASP A 109 -9.55 -0.57 1.39
C ASP A 109 -10.09 -1.89 1.95
N TYR A 110 -11.08 -1.84 2.86
CA TYR A 110 -11.56 -3.01 3.58
C TYR A 110 -12.98 -3.39 3.15
N ASP A 111 -13.25 -4.68 3.18
CA ASP A 111 -14.58 -5.23 2.95
C ASP A 111 -15.00 -5.94 4.22
N SER A 112 -16.15 -5.54 4.77
CA SER A 112 -16.69 -6.18 5.95
C SER A 112 -17.03 -7.63 5.62
N TRP A 113 -16.91 -8.51 6.61
CA TRP A 113 -16.97 -9.93 6.34
C TRP A 113 -17.83 -10.63 7.38
N GLY A 114 -18.84 -11.33 6.92
CA GLY A 114 -19.62 -12.20 7.78
C GLY A 114 -20.78 -11.45 8.42
N GLN A 115 -20.75 -11.31 9.74
CA GLN A 115 -21.90 -10.80 10.47
C GLN A 115 -21.42 -9.86 11.57
N GLY A 116 -21.97 -8.65 11.59
CA GLY A 116 -21.56 -7.66 12.55
C GLY A 116 -21.99 -7.99 13.98
N THR A 117 -21.42 -7.23 14.92
CA THR A 117 -21.67 -7.44 16.35
C THR A 117 -21.96 -6.09 17.00
N LEU A 118 -23.17 -5.90 17.49
CA LEU A 118 -23.49 -4.68 18.24
C LEU A 118 -22.94 -4.80 19.65
N VAL A 119 -22.03 -3.91 20.01
CA VAL A 119 -21.49 -3.81 21.35
C VAL A 119 -22.07 -2.55 21.96
N THR A 120 -22.98 -2.74 22.93
CA THR A 120 -23.57 -1.63 23.70
C THR A 120 -22.83 -1.54 25.02
N VAL A 121 -22.31 -0.35 25.34
CA VAL A 121 -21.68 -0.09 26.63
C VAL A 121 -22.61 0.80 27.45
N SER A 122 -23.07 0.28 28.59
CA SER A 122 -23.97 1.00 29.47
C SER A 122 -23.15 1.72 30.53
N SER A 123 -23.34 3.03 30.62
CA SER A 123 -22.58 3.88 31.55
C SER A 123 -22.93 3.56 33.01
N GLU B 4 18.75 -16.18 -23.77
CA GLU B 4 17.50 -15.94 -23.05
C GLU B 4 16.82 -14.66 -23.53
N PHE B 5 17.60 -13.62 -23.75
CA PHE B 5 17.09 -12.29 -24.00
C PHE B 5 16.72 -12.07 -25.47
N GLU B 6 15.86 -11.07 -25.66
CA GLU B 6 15.80 -10.32 -26.90
C GLU B 6 16.72 -9.12 -26.76
N VAL B 7 17.30 -8.66 -27.86
CA VAL B 7 18.31 -7.60 -27.81
C VAL B 7 17.91 -6.44 -28.70
N GLN B 8 18.22 -5.24 -28.21
CA GLN B 8 17.90 -3.97 -28.87
C GLN B 8 19.12 -3.08 -28.74
N LEU B 9 19.60 -2.54 -29.86
CA LEU B 9 20.73 -1.62 -29.84
C LEU B 9 20.24 -0.24 -30.24
N VAL B 10 20.71 0.78 -29.54
CA VAL B 10 20.19 2.13 -29.64
C VAL B 10 21.35 3.10 -29.56
N GLN B 11 21.26 4.20 -30.29
CA GLN B 11 22.26 5.25 -30.17
C GLN B 11 21.81 6.24 -29.11
N ALA B 12 22.77 6.73 -28.33
CA ALA B 12 22.48 7.71 -27.29
C ALA B 12 21.62 8.85 -27.84
N GLY B 13 20.62 9.25 -27.06
CA GLY B 13 19.67 10.25 -27.49
C GLY B 13 18.54 9.72 -28.34
N GLY B 14 18.60 8.45 -28.74
CA GLY B 14 17.53 7.82 -29.48
C GLY B 14 16.38 7.40 -28.58
N SER B 15 15.43 6.68 -29.19
CA SER B 15 14.21 6.22 -28.52
C SER B 15 13.93 4.77 -28.86
N LEU B 16 13.07 4.17 -28.03
CA LEU B 16 12.75 2.75 -28.15
C LEU B 16 11.45 2.52 -27.42
N ARG B 17 10.56 1.72 -28.01
CA ARG B 17 9.32 1.31 -27.36
C ARG B 17 9.36 -0.17 -27.02
N LEU B 18 9.12 -0.47 -25.74
CA LEU B 18 8.95 -1.81 -25.23
C LEU B 18 7.46 -2.08 -25.01
N SER B 19 7.09 -3.36 -25.03
CA SER B 19 5.69 -3.75 -24.96
C SER B 19 5.58 -5.12 -24.34
N CYS B 20 4.61 -5.25 -23.43
CA CYS B 20 4.40 -6.43 -22.62
C CYS B 20 2.94 -6.83 -22.68
N ALA B 21 2.70 -8.11 -22.91
CA ALA B 21 1.36 -8.64 -23.17
C ALA B 21 0.91 -9.47 -21.97
N ALA B 22 0.18 -8.84 -21.06
CA ALA B 22 -0.30 -9.54 -19.88
C ALA B 22 -1.52 -10.38 -20.22
N SER B 23 -1.82 -11.33 -19.34
CA SER B 23 -3.08 -12.05 -19.41
C SER B 23 -4.24 -11.12 -19.00
N GLY B 24 -5.44 -11.45 -19.47
CA GLY B 24 -6.61 -10.63 -19.16
C GLY B 24 -6.82 -10.40 -17.68
N GLY B 25 -6.51 -11.41 -16.86
CA GLY B 25 -6.67 -11.35 -15.42
C GLY B 25 -5.68 -10.50 -14.64
N THR B 26 -4.39 -10.48 -15.01
CA THR B 26 -3.51 -9.53 -14.34
C THR B 26 -3.71 -8.12 -14.89
N PHE B 27 -3.96 -8.02 -16.20
CA PHE B 27 -4.31 -6.74 -16.82
C PHE B 27 -5.53 -6.12 -16.15
N ALA B 28 -6.46 -6.94 -15.69
CA ALA B 28 -7.67 -6.42 -15.08
C ALA B 28 -7.39 -5.90 -13.68
N THR B 29 -6.71 -6.70 -12.85
CA THR B 29 -6.68 -6.46 -11.43
C THR B 29 -5.37 -5.85 -10.93
N SER B 30 -4.17 -6.18 -11.59
CA SER B 30 -2.96 -5.79 -10.86
C SER B 30 -2.24 -4.61 -11.52
N PRO B 31 -1.57 -3.80 -10.72
CA PRO B 31 -0.64 -2.80 -11.29
C PRO B 31 0.54 -3.51 -11.93
N MET B 32 1.08 -2.88 -12.98
CA MET B 32 2.14 -3.50 -13.77
C MET B 32 3.18 -2.46 -14.17
N GLY B 33 4.40 -2.94 -14.39
CA GLY B 33 5.46 -2.03 -14.78
C GLY B 33 6.69 -2.73 -15.31
N TRP B 34 7.80 -1.99 -15.30
N TRP B 34 7.81 -2.02 -15.23
CA TRP B 34 9.09 -2.49 -15.76
CA TRP B 34 9.08 -2.47 -15.76
C TRP B 34 10.12 -2.38 -14.64
C TRP B 34 10.15 -2.36 -14.68
N LEU B 35 10.94 -3.42 -14.53
CA LEU B 35 12.17 -3.39 -13.73
C LEU B 35 13.38 -3.62 -14.63
N ARG B 36 14.54 -3.13 -14.18
CA ARG B 36 15.74 -3.34 -14.96
C ARG B 36 16.90 -3.83 -14.10
N GLN B 37 17.82 -4.54 -14.75
CA GLN B 37 19.02 -5.08 -14.13
C GLN B 37 20.19 -4.63 -15.00
N ALA B 38 20.97 -3.67 -14.52
CA ALA B 38 22.18 -3.27 -15.23
C ALA B 38 23.30 -4.26 -14.91
N PRO B 39 24.34 -4.31 -15.74
CA PRO B 39 25.42 -5.28 -15.53
C PRO B 39 26.01 -5.23 -14.13
N GLY B 40 25.95 -6.36 -13.44
CA GLY B 40 26.55 -6.48 -12.11
C GLY B 40 25.84 -5.72 -11.02
N LYS B 41 24.61 -5.26 -11.24
CA LYS B 41 23.86 -4.47 -10.28
C LYS B 41 22.54 -5.17 -9.94
N GLY B 42 21.93 -4.75 -8.85
CA GLY B 42 20.65 -5.30 -8.49
C GLY B 42 19.51 -4.75 -9.37
N THR B 43 18.38 -5.45 -9.30
CA THR B 43 17.18 -5.00 -9.99
C THR B 43 16.74 -3.64 -9.45
N GLU B 44 16.35 -2.75 -10.36
CA GLU B 44 15.80 -1.46 -9.96
C GLU B 44 14.48 -1.23 -10.65
N PHE B 45 13.61 -0.48 -9.96
CA PHE B 45 12.32 -0.09 -10.49
C PHE B 45 12.47 0.93 -11.62
N VAL B 46 11.67 0.79 -12.67
CA VAL B 46 11.67 1.76 -13.78
C VAL B 46 10.36 2.55 -13.78
N ALA B 47 9.25 1.90 -14.14
CA ALA B 47 7.99 2.61 -14.22
C ALA B 47 6.85 1.65 -13.90
N ALA B 48 5.65 2.22 -13.68
CA ALA B 48 4.49 1.45 -13.27
C ALA B 48 3.18 2.20 -13.50
N ILE B 49 2.13 1.43 -13.79
CA ILE B 49 0.82 2.02 -14.04
C ILE B 49 -0.25 1.14 -13.39
N SER B 50 -1.31 1.78 -12.87
CA SER B 50 -2.42 1.05 -12.26
C SER B 50 -3.36 0.51 -13.33
N PRO B 51 -4.27 -0.38 -12.95
CA PRO B 51 -5.25 -0.87 -13.93
C PRO B 51 -6.15 0.21 -14.51
N SER B 52 -6.43 1.28 -13.76
CA SER B 52 -7.28 2.40 -14.19
C SER B 52 -6.59 3.34 -15.17
N GLY B 53 -5.52 2.90 -15.85
CA GLY B 53 -4.74 3.77 -16.71
C GLY B 53 -3.98 4.86 -15.98
N GLY B 54 -4.30 5.14 -14.72
CA GLY B 54 -3.73 6.25 -14.00
C GLY B 54 -2.64 5.83 -13.03
N ASP B 55 -2.24 6.78 -12.20
CA ASP B 55 -1.20 6.57 -11.18
C ASP B 55 0.06 6.01 -11.83
N ARG B 56 0.39 6.56 -13.00
CA ARG B 56 1.67 6.26 -13.63
C ARG B 56 2.79 6.85 -12.80
N ILE B 57 3.74 6.02 -12.37
CA ILE B 57 4.88 6.45 -11.57
C ILE B 57 6.19 6.00 -12.22
N TYR B 58 7.26 6.74 -11.91
CA TYR B 58 8.57 6.56 -12.55
C TYR B 58 9.67 6.67 -11.52
N ALA B 59 10.66 5.76 -11.62
CA ALA B 59 11.98 5.99 -11.04
C ALA B 59 12.45 7.39 -11.39
N ASP B 60 13.11 8.03 -10.45
CA ASP B 60 13.53 9.38 -10.78
C ASP B 60 14.59 9.40 -11.86
N SER B 61 15.31 8.28 -12.09
CA SER B 61 16.30 8.24 -13.18
C SER B 61 15.68 8.48 -14.54
N VAL B 62 14.42 8.08 -14.73
CA VAL B 62 13.77 8.04 -16.04
C VAL B 62 12.62 9.03 -16.18
N LYS B 63 12.17 9.65 -15.09
CA LYS B 63 11.11 10.63 -15.12
C LYS B 63 11.43 11.74 -16.12
N GLY B 64 10.42 12.13 -16.91
CA GLY B 64 10.60 13.13 -17.96
C GLY B 64 11.19 12.61 -19.27
N ARG B 65 11.78 11.43 -19.29
CA ARG B 65 12.24 10.78 -20.51
C ARG B 65 11.42 9.56 -20.88
N PHE B 66 10.96 8.80 -19.88
CA PHE B 66 10.17 7.60 -20.12
C PHE B 66 8.70 7.91 -19.88
N THR B 67 7.82 7.21 -20.60
CA THR B 67 6.40 7.20 -20.29
C THR B 67 5.87 5.78 -20.43
N ILE B 68 4.85 5.46 -19.64
CA ILE B 68 4.25 4.13 -19.61
C ILE B 68 2.80 4.29 -19.98
N SER B 69 2.29 3.31 -20.63
CA SER B 69 0.89 3.46 -21.02
C SER B 69 0.20 2.12 -21.11
N ARG B 70 -1.11 2.13 -20.92
CA ARG B 70 -1.99 0.99 -21.13
C ARG B 70 -2.64 1.08 -22.50
N ASP B 71 -2.90 -0.08 -23.09
CA ASP B 71 -3.61 -0.18 -24.36
C ASP B 71 -5.03 -0.60 -24.05
N ASN B 72 -5.99 0.30 -24.31
CA ASN B 72 -7.39 0.04 -23.98
C ASN B 72 -7.84 -1.29 -24.56
N ALA B 73 -7.55 -1.51 -25.85
CA ALA B 73 -8.13 -2.65 -26.58
C ALA B 73 -7.67 -3.99 -26.01
N GLY B 74 -6.36 -4.26 -26.06
CA GLY B 74 -5.94 -5.64 -26.11
C GLY B 74 -4.90 -6.21 -25.16
N ASN B 75 -4.93 -5.84 -23.88
CA ASN B 75 -4.01 -6.42 -22.88
C ASN B 75 -2.56 -6.09 -23.21
N PHE B 76 -2.25 -4.80 -23.23
CA PHE B 76 -0.91 -4.40 -23.57
C PHE B 76 -0.47 -3.24 -22.71
N ILE B 77 0.76 -3.34 -22.21
CA ILE B 77 1.45 -2.24 -21.57
C ILE B 77 2.66 -1.90 -22.40
N TYR B 78 2.94 -0.61 -22.45
CA TYR B 78 4.06 -0.13 -23.26
C TYR B 78 4.96 0.74 -22.41
N LEU B 79 6.23 0.72 -22.75
CA LEU B 79 7.21 1.61 -22.17
C LEU B 79 7.84 2.40 -23.31
N GLN B 80 7.73 3.70 -23.22
CA GLN B 80 8.20 4.64 -24.22
C GLN B 80 9.50 5.24 -23.69
N MET B 81 10.63 4.82 -24.24
CA MET B 81 11.93 5.24 -23.74
C MET B 81 12.51 6.26 -24.70
N ASN B 82 12.61 7.50 -24.24
CA ASN B 82 13.13 8.58 -25.05
C ASN B 82 14.41 9.10 -24.43
N SER B 83 15.19 9.85 -25.23
CA SER B 83 16.47 10.40 -24.77
C SER B 83 17.33 9.35 -24.07
N LEU B 84 17.50 8.19 -24.72
CA LEU B 84 18.24 7.10 -24.11
C LEU B 84 19.70 7.49 -23.87
N LYS B 85 20.24 7.07 -22.73
CA LYS B 85 21.62 7.37 -22.34
C LYS B 85 22.35 6.06 -22.08
N PRO B 86 23.69 6.07 -22.13
CA PRO B 86 24.42 4.81 -21.90
C PRO B 86 24.13 4.18 -20.55
N GLU B 87 23.76 5.00 -19.56
CA GLU B 87 23.37 4.57 -18.22
C GLU B 87 22.05 3.81 -18.19
N ASP B 88 21.30 3.79 -19.29
CA ASP B 88 20.09 2.99 -19.39
C ASP B 88 20.35 1.59 -19.89
N THR B 89 21.62 1.25 -20.12
CA THR B 89 21.98 -0.11 -20.54
C THR B 89 21.68 -1.09 -19.42
N ALA B 90 20.73 -1.98 -19.64
CA ALA B 90 20.25 -2.91 -18.64
C ALA B 90 19.42 -3.96 -19.36
N VAL B 91 19.05 -5.00 -18.62
CA VAL B 91 17.98 -5.88 -19.07
C VAL B 91 16.68 -5.35 -18.49
N TYR B 92 15.66 -5.21 -19.34
CA TYR B 92 14.35 -4.68 -18.96
C TYR B 92 13.40 -5.85 -18.87
N TYR B 93 12.65 -5.91 -17.76
CA TYR B 93 11.68 -6.96 -17.50
C TYR B 93 10.35 -6.29 -17.23
N CYS B 94 9.29 -6.75 -17.88
CA CYS B 94 8.03 -6.29 -17.34
C CYS B 94 7.66 -7.12 -16.12
N ALA B 95 6.85 -6.52 -15.27
CA ALA B 95 6.64 -7.07 -13.94
C ALA B 95 5.21 -6.77 -13.49
N VAL B 96 4.69 -7.67 -12.65
CA VAL B 96 3.36 -7.52 -12.08
C VAL B 96 3.53 -7.33 -10.58
N ARG B 97 2.93 -6.27 -10.04
CA ARG B 97 2.91 -6.07 -8.60
C ARG B 97 1.99 -7.12 -8.00
N ARG B 98 2.55 -8.05 -7.25
CA ARG B 98 1.77 -9.11 -6.61
C ARG B 98 1.76 -9.00 -5.08
N ARG B 99 2.76 -8.37 -4.49
CA ARG B 99 2.81 -8.16 -3.05
C ARG B 99 2.56 -6.69 -2.74
N PHE B 100 2.25 -6.41 -1.47
CA PHE B 100 2.03 -5.02 -1.09
C PHE B 100 2.77 -4.68 0.19
N ASP B 101 3.97 -5.25 0.35
CA ASP B 101 4.78 -5.03 1.55
C ASP B 101 5.38 -3.62 1.59
N GLY B 102 5.59 -2.99 0.44
CA GLY B 102 6.20 -1.67 0.42
C GLY B 102 5.41 -0.63 -0.37
N THR B 103 6.08 0.45 -0.80
CA THR B 103 5.45 1.43 -1.66
C THR B 103 5.33 0.87 -3.09
N SER B 104 4.69 1.65 -3.96
CA SER B 104 4.54 1.23 -5.35
C SER B 104 5.88 1.20 -6.10
N TYR B 105 6.94 1.83 -5.55
CA TYR B 105 8.26 1.88 -6.16
C TYR B 105 9.16 0.76 -5.69
N TYR B 106 8.67 -0.12 -4.83
CA TYR B 106 9.50 -1.11 -4.16
C TYR B 106 9.66 -2.34 -5.06
N THR B 107 10.90 -2.60 -5.47
CA THR B 107 11.17 -3.71 -6.39
C THR B 107 10.71 -5.05 -5.84
N GLY B 108 10.83 -5.26 -4.52
CA GLY B 108 10.46 -6.55 -3.94
C GLY B 108 8.98 -6.87 -4.02
N ASP B 109 8.13 -5.85 -4.17
CA ASP B 109 6.71 -6.10 -4.35
C ASP B 109 6.37 -6.58 -5.77
N TYR B 110 7.33 -6.58 -6.71
CA TYR B 110 7.07 -6.94 -8.11
C TYR B 110 7.66 -8.31 -8.45
N ASP B 111 6.90 -9.10 -9.21
CA ASP B 111 7.41 -10.34 -9.83
C ASP B 111 7.52 -10.14 -11.33
N SER B 112 8.74 -10.25 -11.85
CA SER B 112 8.95 -10.11 -13.28
C SER B 112 8.33 -11.30 -14.01
N TRP B 113 8.04 -11.10 -15.29
CA TRP B 113 7.60 -12.24 -16.08
C TRP B 113 8.00 -12.05 -17.55
N GLY B 114 7.94 -13.14 -18.31
CA GLY B 114 8.42 -13.16 -19.67
C GLY B 114 9.94 -13.12 -19.71
N GLN B 115 10.47 -13.22 -20.93
CA GLN B 115 11.90 -13.00 -21.10
C GLN B 115 12.17 -11.50 -21.18
N GLY B 116 13.29 -11.10 -20.57
CA GLY B 116 13.67 -9.70 -20.61
C GLY B 116 14.27 -9.28 -21.95
N THR B 117 14.44 -7.97 -22.10
CA THR B 117 15.00 -7.34 -23.28
C THR B 117 16.29 -6.65 -22.88
N LEU B 118 17.43 -7.08 -23.44
CA LEU B 118 18.65 -6.30 -23.27
C LEU B 118 18.57 -5.05 -24.14
N VAL B 119 18.75 -3.88 -23.54
CA VAL B 119 18.84 -2.61 -24.24
C VAL B 119 20.25 -2.08 -24.04
N THR B 120 21.00 -1.94 -25.13
CA THR B 120 22.33 -1.35 -25.11
C THR B 120 22.28 0.01 -25.81
N VAL B 121 22.72 1.05 -25.11
CA VAL B 121 22.79 2.40 -25.63
C VAL B 121 24.23 2.69 -25.98
N SER B 122 24.55 2.65 -27.28
CA SER B 122 25.87 2.99 -27.81
C SER B 122 26.12 4.48 -27.61
N SER B 123 27.26 4.98 -28.06
CA SER B 123 27.46 6.43 -28.00
C SER B 123 28.37 6.93 -29.14
N GLU C 4 36.79 -0.99 5.28
CA GLU C 4 35.63 -1.36 4.47
C GLU C 4 34.65 -2.13 5.36
N PHE C 5 34.68 -3.45 5.30
CA PHE C 5 33.79 -4.20 6.16
C PHE C 5 34.51 -5.33 6.84
N GLU C 6 33.86 -6.01 7.75
CA GLU C 6 34.44 -7.12 8.43
C GLU C 6 34.11 -8.35 7.66
N VAL C 7 34.95 -9.34 7.75
CA VAL C 7 34.77 -10.56 6.98
C VAL C 7 34.73 -11.75 7.92
N GLN C 8 33.92 -12.74 7.52
CA GLN C 8 33.74 -13.99 8.25
C GLN C 8 33.68 -15.13 7.24
N LEU C 9 34.66 -16.03 7.31
CA LEU C 9 34.69 -17.20 6.42
C LEU C 9 34.20 -18.43 7.18
N VAL C 10 33.36 -19.22 6.53
CA VAL C 10 32.72 -20.36 7.15
C VAL C 10 32.48 -21.41 6.08
N GLN C 11 32.72 -22.68 6.43
CA GLN C 11 32.33 -23.76 5.55
C GLN C 11 30.83 -23.81 5.36
N ALA C 12 30.39 -24.32 4.20
CA ALA C 12 28.99 -24.62 4.03
C ALA C 12 28.56 -25.64 5.08
N GLY C 13 27.36 -25.45 5.63
CA GLY C 13 26.84 -26.29 6.68
C GLY C 13 27.17 -25.82 8.08
N GLY C 14 28.22 -25.02 8.25
CA GLY C 14 28.57 -24.48 9.54
C GLY C 14 27.67 -23.35 9.99
N SER C 15 28.09 -22.68 11.06
CA SER C 15 27.22 -21.70 11.73
C SER C 15 27.98 -20.42 12.03
N LEU C 16 27.22 -19.36 12.33
CA LEU C 16 27.79 -18.06 12.66
C LEU C 16 26.83 -17.30 13.56
N ARG C 17 27.37 -16.44 14.40
CA ARG C 17 26.54 -15.45 15.08
C ARG C 17 27.04 -14.05 14.76
N LEU C 18 26.15 -13.20 14.26
CA LEU C 18 26.47 -11.79 14.11
C LEU C 18 25.79 -11.01 15.22
N SER C 19 26.36 -9.86 15.55
CA SER C 19 25.85 -9.09 16.66
C SER C 19 26.00 -7.60 16.40
N CYS C 20 25.18 -6.84 17.11
CA CYS C 20 25.03 -5.41 16.95
C CYS C 20 25.00 -4.82 18.35
N ALA C 21 25.79 -3.78 18.60
CA ALA C 21 25.85 -3.18 19.93
C ALA C 21 25.21 -1.81 19.94
N ALA C 22 24.54 -1.50 21.06
CA ALA C 22 24.08 -0.15 21.36
C ALA C 22 24.41 0.17 22.80
N SER C 23 24.21 1.43 23.17
CA SER C 23 24.27 1.85 24.56
C SER C 23 22.87 2.21 25.05
N GLY C 24 22.66 2.02 26.35
CA GLY C 24 21.45 2.51 26.98
C GLY C 24 20.17 1.77 26.64
N GLY C 25 20.26 0.52 26.21
CA GLY C 25 19.09 -0.27 25.93
C GLY C 25 18.26 0.21 24.75
N THR C 26 18.89 0.84 23.76
CA THR C 26 18.20 1.28 22.54
C THR C 26 17.34 0.16 21.96
N PHE C 27 17.91 -1.04 21.85
CA PHE C 27 17.30 -2.21 21.23
C PHE C 27 16.14 -2.80 22.02
N ALA C 28 16.03 -2.54 23.32
CA ALA C 28 14.89 -3.03 24.09
C ALA C 28 13.60 -2.28 23.78
N THR C 29 13.68 -1.11 23.14
CA THR C 29 12.52 -0.29 22.83
C THR C 29 12.45 0.12 21.35
N SER C 30 13.33 -0.42 20.50
CA SER C 30 13.30 -0.15 19.08
C SER C 30 13.00 -1.43 18.30
N PRO C 31 12.26 -1.36 17.20
CA PRO C 31 12.14 -2.53 16.33
C PRO C 31 13.38 -2.66 15.45
N MET C 32 13.98 -3.85 15.43
CA MET C 32 15.29 -4.12 14.86
C MET C 32 15.19 -5.15 13.74
N GLY C 33 16.23 -5.20 12.93
CA GLY C 33 16.28 -6.27 11.95
C GLY C 33 17.65 -6.36 11.31
N TRP C 34 17.77 -7.34 10.41
CA TRP C 34 18.98 -7.60 9.65
C TRP C 34 18.63 -7.58 8.17
N LEU C 35 19.36 -6.79 7.40
CA LEU C 35 19.31 -6.89 5.95
C LEU C 35 20.61 -7.48 5.40
N ARG C 36 20.62 -7.73 4.11
CA ARG C 36 21.83 -8.24 3.48
C ARG C 36 21.89 -7.79 2.02
N GLN C 37 23.11 -7.64 1.54
CA GLN C 37 23.40 -7.31 0.14
C GLN C 37 24.29 -8.41 -0.41
N ALA C 38 23.72 -9.32 -1.19
CA ALA C 38 24.58 -10.17 -2.01
C ALA C 38 25.04 -9.37 -3.23
N PRO C 39 26.25 -9.65 -3.73
CA PRO C 39 26.76 -8.86 -4.86
C PRO C 39 25.95 -9.17 -6.12
N GLY C 40 25.73 -8.12 -6.92
CA GLY C 40 24.84 -8.21 -8.06
C GLY C 40 23.38 -8.40 -7.72
N LYS C 41 22.99 -8.31 -6.45
CA LYS C 41 21.60 -8.35 -6.07
C LYS C 41 21.28 -7.12 -5.24
N GLY C 42 20.00 -6.88 -5.05
CA GLY C 42 19.59 -5.73 -4.28
C GLY C 42 19.78 -5.97 -2.80
N THR C 43 19.42 -4.97 -2.02
CA THR C 43 19.23 -5.15 -0.59
C THR C 43 18.01 -6.04 -0.37
N GLU C 44 18.13 -7.00 0.53
CA GLU C 44 17.05 -7.93 0.81
C GLU C 44 16.86 -8.08 2.32
N PHE C 45 15.63 -8.34 2.73
CA PHE C 45 15.28 -8.49 4.14
C PHE C 45 15.65 -9.88 4.65
N VAL C 46 16.09 -9.99 5.90
CA VAL C 46 16.44 -11.29 6.47
C VAL C 46 15.57 -11.62 7.69
N ALA C 47 15.59 -10.77 8.71
CA ALA C 47 14.95 -11.09 9.97
C ALA C 47 14.56 -9.80 10.67
N ALA C 48 13.48 -9.85 11.47
CA ALA C 48 13.04 -8.68 12.22
C ALA C 48 12.51 -9.09 13.59
N ILE C 49 12.78 -8.25 14.59
CA ILE C 49 12.30 -8.46 15.94
C ILE C 49 11.56 -7.21 16.41
N SER C 50 10.37 -7.41 17.00
CA SER C 50 9.59 -6.27 17.49
C SER C 50 10.17 -5.74 18.79
N PRO C 51 9.92 -4.46 19.12
CA PRO C 51 10.47 -3.92 20.39
C PRO C 51 10.03 -4.73 21.60
N SER C 52 8.76 -5.15 21.61
CA SER C 52 8.29 -6.15 22.58
C SER C 52 9.19 -7.39 22.63
N GLY C 53 9.76 -7.81 21.49
CA GLY C 53 10.39 -9.11 21.38
C GLY C 53 9.45 -10.24 21.03
N GLY C 54 8.12 -10.01 21.11
CA GLY C 54 7.12 -11.03 20.89
C GLY C 54 6.82 -11.38 19.44
N ASP C 55 7.26 -10.58 18.48
CA ASP C 55 7.06 -10.88 17.07
C ASP C 55 8.43 -11.01 16.42
N ARG C 56 8.67 -12.14 15.77
CA ARG C 56 9.85 -12.32 14.93
C ARG C 56 9.41 -12.76 13.54
N ILE C 57 9.92 -12.10 12.53
CA ILE C 57 9.62 -12.48 11.16
C ILE C 57 10.93 -12.73 10.43
N TYR C 58 10.87 -13.64 9.46
CA TYR C 58 12.03 -14.14 8.75
C TYR C 58 11.71 -14.22 7.27
N ALA C 59 12.67 -13.82 6.43
CA ALA C 59 12.60 -14.16 5.03
C ALA C 59 12.45 -15.68 4.86
N ASP C 60 11.68 -16.07 3.84
CA ASP C 60 11.46 -17.49 3.58
C ASP C 60 12.77 -18.22 3.30
N SER C 61 13.77 -17.52 2.75
CA SER C 61 15.06 -18.15 2.49
C SER C 61 15.69 -18.69 3.77
N VAL C 62 15.59 -17.92 4.85
CA VAL C 62 16.34 -18.18 6.07
C VAL C 62 15.49 -18.74 7.19
N LYS C 63 14.19 -18.95 6.96
CA LYS C 63 13.33 -19.41 8.04
C LYS C 63 13.69 -20.86 8.45
N GLY C 64 13.80 -21.08 9.75
CA GLY C 64 14.26 -22.34 10.27
C GLY C 64 15.76 -22.47 10.32
N ARG C 65 16.50 -21.59 9.67
CA ARG C 65 17.95 -21.61 9.75
C ARG C 65 18.52 -20.46 10.56
N PHE C 66 17.82 -19.32 10.58
CA PHE C 66 18.29 -18.10 11.21
C PHE C 66 17.39 -17.79 12.40
N THR C 67 18.00 -17.33 13.49
CA THR C 67 17.26 -16.91 14.67
C THR C 67 17.72 -15.51 15.04
N ILE C 68 16.77 -14.61 15.27
CA ILE C 68 17.10 -13.28 15.74
C ILE C 68 16.71 -13.18 17.20
N SER C 69 17.51 -12.46 17.98
CA SER C 69 17.17 -12.24 19.37
C SER C 69 17.95 -11.04 19.91
N ARG C 70 17.56 -10.66 21.11
CA ARG C 70 18.14 -9.59 21.90
C ARG C 70 18.61 -10.16 23.23
N ASP C 71 19.70 -9.64 23.77
CA ASP C 71 20.01 -9.85 25.17
C ASP C 71 19.01 -9.07 26.06
N ASN C 72 19.13 -9.26 27.37
CA ASN C 72 18.11 -8.72 28.27
C ASN C 72 18.13 -7.19 28.33
N ALA C 73 19.33 -6.59 28.25
CA ALA C 73 19.46 -5.16 28.48
C ALA C 73 19.14 -4.31 27.26
N GLY C 74 19.07 -4.91 26.08
CA GLY C 74 18.88 -4.12 24.88
C GLY C 74 20.15 -3.49 24.36
N ASN C 75 21.31 -4.04 24.70
CA ASN C 75 22.57 -3.55 24.16
C ASN C 75 23.15 -4.46 23.10
N PHE C 76 22.52 -5.62 22.85
CA PHE C 76 22.92 -6.52 21.77
C PHE C 76 21.71 -7.10 21.05
N ILE C 77 21.71 -7.03 19.71
CA ILE C 77 20.88 -7.85 18.82
C ILE C 77 21.78 -8.91 18.22
N TYR C 78 21.26 -10.12 18.06
CA TYR C 78 22.04 -11.24 17.54
C TYR C 78 21.35 -11.91 16.36
N LEU C 79 22.15 -12.34 15.39
CA LEU C 79 21.66 -13.12 14.26
C LEU C 79 22.38 -14.45 14.29
N GLN C 80 21.72 -15.47 14.80
CA GLN C 80 22.28 -16.82 14.84
C GLN C 80 22.04 -17.49 13.49
N MET C 81 23.11 -17.93 12.84
CA MET C 81 23.01 -18.54 11.52
C MET C 81 23.44 -19.99 11.62
N ASN C 82 22.56 -20.90 11.22
CA ASN C 82 22.89 -22.31 11.13
C ASN C 82 22.73 -22.80 9.69
N SER C 83 23.34 -23.96 9.40
CA SER C 83 23.20 -24.64 8.10
C SER C 83 23.51 -23.72 6.91
N LEU C 84 24.63 -23.00 7.01
CA LEU C 84 24.93 -21.98 6.02
C LEU C 84 25.16 -22.59 4.64
N LYS C 85 24.47 -22.05 3.65
CA LYS C 85 24.62 -22.39 2.26
C LYS C 85 25.36 -21.27 1.55
N PRO C 86 25.96 -21.56 0.38
CA PRO C 86 26.64 -20.49 -0.37
C PRO C 86 25.70 -19.40 -0.85
N GLU C 87 24.41 -19.69 -0.98
CA GLU C 87 23.41 -18.67 -1.30
C GLU C 87 23.27 -17.62 -0.20
N ASP C 88 23.88 -17.84 0.95
CA ASP C 88 23.82 -16.89 2.05
C ASP C 88 24.95 -15.87 2.01
N THR C 89 25.90 -16.03 1.09
CA THR C 89 27.01 -15.12 0.93
C THR C 89 26.54 -13.70 0.63
N ALA C 90 26.74 -12.79 1.58
CA ALA C 90 26.28 -11.42 1.43
C ALA C 90 27.02 -10.56 2.44
N VAL C 91 26.82 -9.25 2.33
CA VAL C 91 27.15 -8.32 3.41
C VAL C 91 25.89 -8.06 4.27
N TYR C 92 25.99 -8.35 5.58
CA TYR C 92 24.88 -8.29 6.52
C TYR C 92 24.95 -7.02 7.37
N TYR C 93 23.78 -6.46 7.67
CA TYR C 93 23.65 -5.22 8.42
C TYR C 93 22.49 -5.36 9.40
N CYS C 94 22.71 -4.99 10.66
CA CYS C 94 21.56 -4.72 11.51
C CYS C 94 20.96 -3.39 11.10
N ALA C 95 19.65 -3.28 11.26
CA ALA C 95 18.97 -2.04 10.88
C ALA C 95 17.87 -1.74 11.88
N VAL C 96 17.70 -0.44 12.16
CA VAL C 96 16.57 0.05 12.95
C VAL C 96 15.44 0.37 12.00
N ARG C 97 14.23 -0.06 12.37
CA ARG C 97 13.02 0.40 11.68
C ARG C 97 12.66 1.79 12.19
N ARG C 98 12.76 2.79 11.32
CA ARG C 98 12.44 4.18 11.62
C ARG C 98 11.17 4.65 10.93
N ARG C 99 10.71 3.97 9.89
CA ARG C 99 9.53 4.36 9.16
C ARG C 99 8.50 3.22 9.16
N PHE C 100 7.28 3.57 8.76
CA PHE C 100 6.17 2.62 8.73
C PHE C 100 5.34 2.85 7.47
N ASP C 101 6.02 3.15 6.36
CA ASP C 101 5.34 3.23 5.07
C ASP C 101 4.97 1.85 4.52
N GLY C 102 5.53 0.78 5.08
CA GLY C 102 5.22 -0.55 4.61
C GLY C 102 4.95 -1.54 5.75
N THR C 103 5.13 -2.82 5.43
CA THR C 103 5.11 -3.90 6.40
C THR C 103 6.51 -4.04 7.02
N SER C 104 6.70 -5.02 7.91
CA SER C 104 8.04 -5.09 8.47
C SER C 104 9.00 -5.85 7.56
N TYR C 105 8.50 -6.41 6.47
CA TYR C 105 9.34 -6.95 5.39
C TYR C 105 9.92 -5.87 4.48
N TYR C 106 9.36 -4.66 4.51
CA TYR C 106 9.74 -3.61 3.57
C TYR C 106 11.10 -3.07 3.95
N THR C 107 12.12 -3.40 3.14
CA THR C 107 13.48 -2.96 3.47
C THR C 107 13.60 -1.45 3.49
N GLY C 108 12.73 -0.74 2.77
CA GLY C 108 12.73 0.72 2.69
C GLY C 108 12.39 1.43 4.00
N ASP C 109 11.91 0.71 5.02
CA ASP C 109 11.58 1.29 6.31
C ASP C 109 12.74 1.26 7.31
N TYR C 110 13.90 0.72 6.93
CA TYR C 110 14.99 0.45 7.86
C TYR C 110 16.20 1.33 7.54
N ASP C 111 16.89 1.78 8.59
CA ASP C 111 18.16 2.48 8.45
C ASP C 111 19.25 1.57 8.98
N SER C 112 20.29 1.37 8.18
CA SER C 112 21.37 0.48 8.60
C SER C 112 21.99 1.01 9.89
N TRP C 113 22.26 0.11 10.83
CA TRP C 113 22.86 0.46 12.10
C TRP C 113 24.33 0.09 12.03
N GLY C 114 25.16 1.06 11.67
CA GLY C 114 26.60 0.83 11.69
C GLY C 114 27.09 0.01 10.51
N GLN C 115 28.08 -0.84 10.80
CA GLN C 115 28.98 -1.38 9.79
C GLN C 115 28.64 -2.82 9.42
N GLY C 116 28.61 -3.10 8.11
CA GLY C 116 28.24 -4.41 7.62
C GLY C 116 29.29 -5.49 7.87
N THR C 117 28.86 -6.74 7.70
CA THR C 117 29.75 -7.89 7.78
C THR C 117 29.56 -8.74 6.54
N LEU C 118 30.66 -8.96 5.80
CA LEU C 118 30.66 -9.95 4.73
C LEU C 118 30.74 -11.35 5.32
N VAL C 119 29.77 -12.17 4.99
CA VAL C 119 29.75 -13.56 5.40
C VAL C 119 29.91 -14.37 4.14
N THR C 120 30.93 -15.20 4.10
CA THR C 120 31.29 -15.93 2.90
C THR C 120 31.26 -17.42 3.21
N VAL C 121 30.46 -18.15 2.43
CA VAL C 121 30.25 -19.58 2.60
C VAL C 121 30.82 -20.25 1.35
N SER C 122 31.85 -21.06 1.55
CA SER C 122 32.52 -21.74 0.43
C SER C 122 31.98 -23.16 0.32
N SER C 123 31.30 -23.47 -0.80
CA SER C 123 30.62 -24.75 -1.07
C SER C 123 31.40 -25.97 -0.57
N GLU D 4 -23.98 25.91 6.31
CA GLU D 4 -22.57 26.02 5.93
C GLU D 4 -22.29 25.64 4.47
N PHE D 5 -23.26 25.03 3.80
CA PHE D 5 -23.09 24.57 2.42
C PHE D 5 -24.32 24.93 1.58
N GLU D 6 -24.09 25.12 0.28
CA GLU D 6 -25.15 25.23 -0.71
C GLU D 6 -26.07 24.01 -0.66
N VAL D 7 -27.31 24.17 -1.14
CA VAL D 7 -28.27 23.07 -1.18
C VAL D 7 -28.92 23.04 -2.56
N GLN D 8 -29.01 21.85 -3.15
CA GLN D 8 -29.69 21.69 -4.44
C GLN D 8 -30.60 20.48 -4.36
N LEU D 9 -31.83 20.67 -4.82
CA LEU D 9 -32.86 19.65 -4.76
C LEU D 9 -33.22 19.27 -6.18
N VAL D 10 -33.25 17.97 -6.44
CA VAL D 10 -33.54 17.45 -7.76
C VAL D 10 -34.36 16.18 -7.58
N GLN D 11 -35.14 15.87 -8.59
CA GLN D 11 -35.91 14.63 -8.57
C GLN D 11 -35.10 13.55 -9.24
N ALA D 12 -35.31 12.31 -8.79
CA ALA D 12 -34.61 11.17 -9.38
C ALA D 12 -34.76 11.19 -10.89
N GLY D 13 -33.68 10.85 -11.58
CA GLY D 13 -33.63 10.99 -13.03
C GLY D 13 -33.21 12.35 -13.51
N GLY D 14 -33.27 13.37 -12.65
CA GLY D 14 -32.76 14.69 -12.99
C GLY D 14 -31.27 14.75 -13.24
N SER D 15 -30.79 15.91 -13.69
CA SER D 15 -29.38 16.15 -13.90
C SER D 15 -29.03 17.51 -13.29
N LEU D 16 -27.75 17.69 -12.96
CA LEU D 16 -27.25 18.87 -12.27
C LEU D 16 -25.78 19.06 -12.65
N ARG D 17 -25.31 20.31 -12.61
CA ARG D 17 -23.88 20.54 -12.76
C ARG D 17 -23.35 21.32 -11.56
N LEU D 18 -22.30 20.79 -10.93
CA LEU D 18 -21.55 21.53 -9.93
C LEU D 18 -20.29 22.08 -10.57
N SER D 19 -19.78 23.15 -9.98
CA SER D 19 -18.60 23.80 -10.51
C SER D 19 -17.88 24.50 -9.36
N CYS D 20 -16.56 24.48 -9.39
CA CYS D 20 -15.82 25.28 -8.44
C CYS D 20 -14.75 26.04 -9.18
N ALA D 21 -14.68 27.34 -8.95
CA ALA D 21 -13.81 28.21 -9.71
C ALA D 21 -12.44 28.30 -9.08
N ALA D 22 -11.44 28.51 -9.92
CA ALA D 22 -10.09 28.75 -9.45
C ALA D 22 -9.89 30.24 -9.23
N SER D 23 -9.01 30.58 -8.28
CA SER D 23 -8.65 31.97 -8.06
C SER D 23 -7.96 32.55 -9.29
N GLY D 24 -6.87 31.92 -9.72
CA GLY D 24 -6.22 32.30 -10.96
C GLY D 24 -5.75 31.11 -11.77
N GLY D 25 -6.60 30.63 -12.69
CA GLY D 25 -6.27 29.52 -13.57
C GLY D 25 -5.63 28.31 -12.91
N THR D 26 -5.96 28.12 -11.62
CA THR D 26 -5.20 27.21 -10.75
C THR D 26 -5.11 25.80 -11.34
N PHE D 27 -6.23 25.24 -11.81
CA PHE D 27 -6.26 23.81 -12.05
C PHE D 27 -6.26 23.42 -13.54
N ALA D 28 -5.78 24.31 -14.40
CA ALA D 28 -5.21 23.83 -15.66
C ALA D 28 -3.88 23.13 -15.42
N THR D 29 -3.36 23.20 -14.19
CA THR D 29 -2.07 22.63 -13.80
C THR D 29 -2.11 21.71 -12.58
N SER D 30 -3.21 21.79 -11.66
CA SER D 30 -3.19 20.92 -10.48
C SER D 30 -4.09 19.70 -10.67
N PRO D 31 -3.78 18.57 -10.04
CA PRO D 31 -4.69 17.41 -10.10
C PRO D 31 -5.88 17.58 -9.14
N MET D 32 -7.09 17.43 -9.69
CA MET D 32 -8.32 17.83 -9.02
C MET D 32 -9.33 16.70 -8.99
N GLY D 33 -10.15 16.69 -7.96
CA GLY D 33 -11.23 15.74 -7.94
C GLY D 33 -12.46 16.29 -7.23
N TRP D 34 -13.50 15.47 -7.23
CA TRP D 34 -14.69 15.69 -6.43
C TRP D 34 -14.82 14.54 -5.46
N LEU D 35 -15.00 14.87 -4.18
CA LEU D 35 -15.39 13.91 -3.16
C LEU D 35 -16.81 14.21 -2.69
N ARG D 36 -17.35 13.30 -1.88
CA ARG D 36 -18.69 13.48 -1.36
C ARG D 36 -18.78 12.82 0.00
N GLN D 37 -19.71 13.32 0.81
CA GLN D 37 -20.01 12.75 2.11
C GLN D 37 -21.46 12.30 2.07
N ALA D 38 -21.68 11.03 1.78
CA ALA D 38 -23.03 10.49 1.90
C ALA D 38 -23.44 10.43 3.38
N PRO D 39 -24.74 10.58 3.66
CA PRO D 39 -25.21 10.58 5.05
C PRO D 39 -24.97 9.25 5.73
N GLY D 40 -24.38 9.29 6.93
CA GLY D 40 -24.00 8.08 7.64
C GLY D 40 -22.96 7.22 6.96
N LYS D 41 -22.58 7.54 5.72
CA LYS D 41 -21.36 7.04 5.11
C LYS D 41 -20.24 8.04 5.38
N GLY D 42 -19.02 7.62 5.15
CA GLY D 42 -17.92 8.56 5.24
C GLY D 42 -17.75 9.35 3.95
N THR D 43 -16.61 10.04 3.86
CA THR D 43 -16.28 10.74 2.64
C THR D 43 -15.84 9.73 1.58
N GLU D 44 -16.35 9.87 0.37
CA GLU D 44 -15.97 8.97 -0.70
C GLU D 44 -15.43 9.76 -1.89
N PHE D 45 -14.62 9.06 -2.69
CA PHE D 45 -14.15 9.56 -3.96
C PHE D 45 -15.27 9.51 -5.01
N VAL D 46 -15.46 10.60 -5.75
CA VAL D 46 -16.38 10.60 -6.90
C VAL D 46 -15.64 10.57 -8.22
N ALA D 47 -14.80 11.58 -8.50
CA ALA D 47 -14.13 11.63 -9.79
C ALA D 47 -12.84 12.44 -9.68
N ALA D 48 -11.93 12.23 -10.64
CA ALA D 48 -10.70 13.02 -10.67
C ALA D 48 -10.27 13.24 -12.11
N ILE D 49 -9.57 14.36 -12.32
CA ILE D 49 -9.11 14.80 -13.63
C ILE D 49 -7.66 15.24 -13.48
N SER D 50 -6.78 14.73 -14.40
CA SER D 50 -5.34 14.98 -14.35
C SER D 50 -5.00 16.41 -14.75
N PRO D 51 -3.94 16.96 -14.31
CA PRO D 51 -3.57 18.31 -14.75
C PRO D 51 -3.51 18.46 -16.26
N SER D 52 -2.93 17.45 -16.94
CA SER D 52 -2.83 17.49 -18.40
C SER D 52 -4.20 17.50 -19.06
N GLY D 53 -5.04 16.70 -18.54
CA GLY D 53 -6.36 16.53 -19.13
C GLY D 53 -6.79 15.14 -19.56
N GLY D 54 -5.80 14.32 -19.94
CA GLY D 54 -6.10 12.98 -20.45
C GLY D 54 -6.82 12.10 -19.44
N ASP D 55 -6.28 12.00 -18.22
CA ASP D 55 -6.79 11.07 -17.22
C ASP D 55 -8.06 11.59 -16.58
N ARG D 56 -9.14 10.82 -16.67
CA ARG D 56 -10.33 11.02 -15.87
C ARG D 56 -10.67 9.69 -15.24
N ILE D 57 -10.84 9.65 -13.92
CA ILE D 57 -11.22 8.42 -13.24
C ILE D 57 -12.49 8.65 -12.44
N TYR D 58 -13.34 7.63 -12.40
CA TYR D 58 -14.63 7.68 -11.74
C TYR D 58 -14.76 6.54 -10.77
N ALA D 59 -15.38 6.81 -9.63
CA ALA D 59 -15.89 5.72 -8.81
C ALA D 59 -16.84 4.89 -9.65
N ASP D 60 -16.79 3.57 -9.46
CA ASP D 60 -17.73 2.69 -10.15
C ASP D 60 -19.17 3.10 -9.86
N SER D 61 -19.41 3.66 -8.67
CA SER D 61 -20.72 4.18 -8.31
C SER D 61 -21.33 5.09 -9.38
N VAL D 62 -20.51 5.88 -10.07
CA VAL D 62 -21.01 6.98 -10.89
C VAL D 62 -20.58 6.91 -12.34
N LYS D 63 -19.81 5.88 -12.72
CA LYS D 63 -19.27 5.78 -14.08
C LYS D 63 -20.40 5.71 -15.11
N GLY D 64 -20.23 6.45 -16.21
CA GLY D 64 -21.25 6.57 -17.20
C GLY D 64 -22.27 7.66 -16.91
N ARG D 65 -22.46 8.00 -15.64
CA ARG D 65 -23.49 8.97 -15.23
C ARG D 65 -22.93 10.35 -14.96
N PHE D 66 -21.74 10.43 -14.37
CA PHE D 66 -21.10 11.69 -14.03
C PHE D 66 -19.97 11.93 -15.02
N THR D 67 -19.60 13.19 -15.18
CA THR D 67 -18.49 13.56 -16.05
C THR D 67 -17.77 14.75 -15.43
N ILE D 68 -16.47 14.59 -15.18
CA ILE D 68 -15.62 15.66 -14.68
C ILE D 68 -15.05 16.41 -15.87
N SER D 69 -14.79 17.71 -15.67
CA SER D 69 -14.39 18.55 -16.81
C SER D 69 -13.64 19.78 -16.31
N ARG D 70 -12.88 20.37 -17.23
CA ARG D 70 -12.31 21.71 -17.07
C ARG D 70 -12.65 22.55 -18.29
N ASP D 71 -12.91 23.83 -18.09
CA ASP D 71 -12.97 24.71 -19.24
C ASP D 71 -11.55 24.98 -19.74
N ASN D 72 -11.45 25.57 -20.95
CA ASN D 72 -10.14 25.72 -21.57
C ASN D 72 -9.25 26.69 -20.80
N ALA D 73 -9.85 27.70 -20.16
CA ALA D 73 -9.10 28.69 -19.40
C ALA D 73 -8.47 28.13 -18.13
N GLY D 74 -8.89 26.94 -17.69
CA GLY D 74 -8.41 26.44 -16.43
C GLY D 74 -8.94 27.22 -15.24
N ASN D 75 -10.08 27.89 -15.40
CA ASN D 75 -10.72 28.64 -14.32
C ASN D 75 -11.88 27.89 -13.68
N PHE D 76 -12.24 26.72 -14.18
CA PHE D 76 -13.41 26.00 -13.73
C PHE D 76 -13.18 24.50 -13.81
N ILE D 77 -13.56 23.80 -12.75
CA ILE D 77 -13.77 22.36 -12.77
C ILE D 77 -15.27 22.11 -12.72
N TYR D 78 -15.73 21.18 -13.52
CA TYR D 78 -17.15 20.89 -13.59
C TYR D 78 -17.38 19.44 -13.21
N LEU D 79 -18.53 19.19 -12.58
CA LEU D 79 -19.01 17.84 -12.37
C LEU D 79 -20.43 17.81 -12.92
N GLN D 80 -20.59 17.15 -14.06
CA GLN D 80 -21.87 17.10 -14.74
C GLN D 80 -22.56 15.82 -14.27
N MET D 81 -23.66 15.97 -13.56
CA MET D 81 -24.35 14.83 -12.97
C MET D 81 -25.61 14.56 -13.77
N ASN D 82 -25.72 13.38 -14.37
CA ASN D 82 -26.91 12.99 -15.11
C ASN D 82 -27.53 11.76 -14.47
N SER D 83 -28.84 11.61 -14.66
CA SER D 83 -29.57 10.42 -14.20
C SER D 83 -29.42 10.22 -12.71
N LEU D 84 -29.73 11.25 -11.94
CA LEU D 84 -29.46 11.19 -10.51
C LEU D 84 -30.37 10.16 -9.84
N LYS D 85 -29.80 9.44 -8.88
CA LYS D 85 -30.53 8.47 -8.07
C LYS D 85 -30.47 8.90 -6.61
N PRO D 86 -31.40 8.43 -5.77
CA PRO D 86 -31.39 8.86 -4.35
C PRO D 86 -30.14 8.45 -3.61
N GLU D 87 -29.55 7.31 -3.95
CA GLU D 87 -28.26 6.93 -3.38
C GLU D 87 -27.22 8.04 -3.54
N ASP D 88 -27.38 8.91 -4.55
CA ASP D 88 -26.47 10.02 -4.81
C ASP D 88 -26.60 11.17 -3.80
N THR D 89 -27.58 11.15 -2.89
CA THR D 89 -27.71 12.23 -1.93
C THR D 89 -26.46 12.30 -1.04
N ALA D 90 -25.84 13.48 -0.99
CA ALA D 90 -24.51 13.64 -0.42
C ALA D 90 -24.16 15.12 -0.40
N VAL D 91 -23.12 15.47 0.37
CA VAL D 91 -22.46 16.76 0.25
C VAL D 91 -21.26 16.60 -0.67
N TYR D 92 -21.26 17.31 -1.79
CA TYR D 92 -20.22 17.20 -2.81
C TYR D 92 -19.31 18.40 -2.74
N TYR D 93 -18.00 18.18 -2.88
CA TYR D 93 -17.09 19.31 -2.92
C TYR D 93 -15.90 18.95 -3.80
N CYS D 94 -15.32 19.96 -4.42
CA CYS D 94 -14.15 19.64 -5.20
C CYS D 94 -12.94 19.68 -4.28
N ALA D 95 -11.89 18.96 -4.66
CA ALA D 95 -10.72 18.85 -3.82
C ALA D 95 -9.47 18.85 -4.68
N VAL D 96 -8.35 19.23 -4.08
CA VAL D 96 -7.05 19.23 -4.73
C VAL D 96 -6.25 18.03 -4.23
N ARG D 97 -5.75 17.23 -5.16
CA ARG D 97 -4.79 16.18 -4.81
C ARG D 97 -3.45 16.83 -4.49
N ARG D 98 -3.06 16.82 -3.22
CA ARG D 98 -1.81 17.40 -2.75
C ARG D 98 -0.80 16.38 -2.26
N ARG D 99 -1.24 15.20 -1.81
CA ARG D 99 -0.35 14.13 -1.39
C ARG D 99 -0.45 12.96 -2.37
N PHE D 100 0.53 12.03 -2.29
CA PHE D 100 0.63 10.95 -3.25
C PHE D 100 0.95 9.61 -2.58
N ASP D 101 0.51 9.44 -1.34
CA ASP D 101 0.68 8.22 -0.58
C ASP D 101 -0.24 7.10 -1.03
N GLY D 102 -1.25 7.38 -1.84
CA GLY D 102 -2.11 6.34 -2.39
C GLY D 102 -2.28 6.43 -3.88
N THR D 103 -3.27 5.73 -4.42
CA THR D 103 -3.66 5.94 -5.80
C THR D 103 -4.60 7.14 -5.90
N SER D 104 -5.19 7.36 -7.07
CA SER D 104 -6.06 8.50 -7.23
C SER D 104 -7.42 8.30 -6.58
N TYR D 105 -7.75 7.06 -6.25
CA TYR D 105 -8.99 6.70 -5.59
C TYR D 105 -8.96 6.97 -4.10
N TYR D 106 -7.79 7.25 -3.55
CA TYR D 106 -7.59 7.35 -2.11
C TYR D 106 -8.00 8.75 -1.65
N THR D 107 -9.13 8.84 -0.92
CA THR D 107 -9.64 10.14 -0.49
C THR D 107 -8.68 10.88 0.45
N GLY D 108 -7.81 10.15 1.16
CA GLY D 108 -6.85 10.81 2.03
C GLY D 108 -5.76 11.59 1.29
N ASP D 109 -5.61 11.42 -0.02
CA ASP D 109 -4.62 12.18 -0.76
C ASP D 109 -5.06 13.59 -1.12
N TYR D 110 -6.30 13.98 -0.78
CA TYR D 110 -6.94 15.21 -1.26
C TYR D 110 -7.22 16.16 -0.11
N ASP D 111 -7.25 17.46 -0.41
CA ASP D 111 -7.71 18.48 0.52
C ASP D 111 -8.90 19.20 -0.10
N SER D 112 -9.92 19.49 0.72
CA SER D 112 -11.09 20.17 0.18
C SER D 112 -10.68 21.55 -0.33
N TRP D 113 -11.18 21.91 -1.52
CA TRP D 113 -10.85 23.19 -2.15
C TRP D 113 -12.02 24.15 -2.19
N GLY D 114 -13.21 23.67 -2.56
CA GLY D 114 -14.39 24.49 -2.62
C GLY D 114 -15.35 24.17 -1.48
N GLN D 115 -16.41 24.97 -1.43
CA GLN D 115 -17.48 24.81 -0.45
C GLN D 115 -18.42 23.70 -0.91
N GLY D 116 -18.98 22.98 0.08
CA GLY D 116 -19.80 21.82 -0.23
C GLY D 116 -21.19 22.22 -0.74
N THR D 117 -21.77 21.34 -1.53
CA THR D 117 -23.12 21.54 -2.02
C THR D 117 -23.91 20.30 -1.66
N LEU D 118 -24.85 20.43 -0.74
CA LEU D 118 -25.76 19.34 -0.46
C LEU D 118 -26.61 19.11 -1.69
N VAL D 119 -26.59 17.88 -2.20
CA VAL D 119 -27.43 17.47 -3.31
C VAL D 119 -28.39 16.44 -2.74
N THR D 120 -29.69 16.72 -2.80
CA THR D 120 -30.68 15.76 -2.30
C THR D 120 -31.56 15.34 -3.47
N VAL D 121 -31.59 14.03 -3.70
CA VAL D 121 -32.32 13.42 -4.80
C VAL D 121 -33.52 12.68 -4.25
N SER D 122 -34.71 13.11 -4.65
CA SER D 122 -35.95 12.50 -4.23
C SER D 122 -36.46 11.53 -5.29
N SER D 123 -36.81 10.32 -4.85
CA SER D 123 -37.54 9.36 -5.68
C SER D 123 -38.86 8.97 -5.01
#